data_5NQZ
#
_entry.id   5NQZ
#
_cell.length_a   91.370
_cell.length_b   76.270
_cell.length_c   83.900
_cell.angle_alpha   90.00
_cell.angle_beta   91.26
_cell.angle_gamma   90.00
#
_symmetry.space_group_name_H-M   'C 1 2 1'
#
loop_
_entity.id
_entity.type
_entity.pdbx_description
1 polymer 'Factor H binding protein,Major outer membrane protein P.IA,Factor H binding protein'
2 non-polymer 'ZINC ION'
3 non-polymer 'ACETATE ION'
4 non-polymer 1,2-ETHANEDIOL
5 water water
#
_entity_poly.entity_id   1
_entity_poly.type   'polypeptide(L)'
_entity_poly.pdbx_seq_one_letter_code
;MVAADIGAGLADALTAPLDHKDKGLQSLTLDQSVRKNEKLKLAAQGAEKTYGNGDSLNTGKLKNDKVSRFDFIRQIEVDG
QLITLESGEFQVYKQSHSALTAFQTEQIQDSEHSGKMVAKRQFRIGDIAGEHTSFDKLPEGGRATYRGTAFGSDDAGGKL
TYTIDFAAKQGNGKIEHLKSPELNVDLAAADIKPDGKRHAVISGSVLYNQAEKGSYSLGIFGGKAQEVAGSAEVKTVYYT
KDTNNNLTLVGIRHIGLAAKQLEHHHHHH
;
_entity_poly.pdbx_strand_id   A,B
#
# COMPACT_ATOMS: atom_id res chain seq x y z
N ALA A 3 -33.24 -4.44 13.35
CA ALA A 3 -32.66 -5.02 12.10
C ALA A 3 -31.44 -5.91 12.39
N ALA A 4 -31.25 -6.94 11.56
CA ALA A 4 -30.16 -7.94 11.78
C ALA A 4 -28.80 -7.35 11.40
N ASP A 5 -28.82 -6.27 10.60
CA ASP A 5 -27.60 -5.49 10.25
C ASP A 5 -27.24 -4.36 11.33
N ILE A 6 -27.98 -4.30 12.45
CA ILE A 6 -27.70 -3.28 13.48
C ILE A 6 -26.35 -3.62 14.16
N GLY A 7 -25.49 -2.63 14.26
CA GLY A 7 -24.12 -2.88 14.70
C GLY A 7 -23.16 -3.22 13.55
N ALA A 8 -23.65 -3.33 12.29
CA ALA A 8 -22.78 -3.69 11.20
C ALA A 8 -21.85 -2.54 10.75
N GLY A 9 -22.17 -1.25 11.02
CA GLY A 9 -21.24 -0.16 10.70
C GLY A 9 -21.05 0.08 9.21
N LEU A 10 -22.06 -0.29 8.41
CA LEU A 10 -22.00 -0.06 6.93
C LEU A 10 -22.06 1.38 6.50
N ALA A 11 -23.01 2.16 7.04
CA ALA A 11 -23.05 3.57 6.77
C ALA A 11 -21.79 4.29 7.33
N ASP A 12 -21.34 3.88 8.51
CA ASP A 12 -20.13 4.45 9.09
C ASP A 12 -18.96 4.24 8.16
N ALA A 13 -18.79 3.02 7.65
CA ALA A 13 -17.70 2.76 6.70
C ALA A 13 -17.67 3.66 5.46
N LEU A 14 -18.84 4.00 4.95
CA LEU A 14 -18.96 4.79 3.77
C LEU A 14 -18.75 6.32 4.02
N THR A 15 -18.96 6.79 5.26
CA THR A 15 -18.95 8.23 5.57
C THR A 15 -17.85 8.76 6.47
N ALA A 16 -17.30 7.95 7.36
CA ALA A 16 -16.23 8.40 8.31
C ALA A 16 -14.83 8.37 7.74
N PRO A 17 -14.02 9.40 8.03
CA PRO A 17 -12.57 9.27 7.76
C PRO A 17 -11.87 8.22 8.67
N LEU A 18 -10.70 7.78 8.25
CA LEU A 18 -9.90 6.82 9.04
C LEU A 18 -9.75 7.33 10.50
N ASP A 19 -10.07 6.47 11.45
CA ASP A 19 -9.85 6.70 12.89
C ASP A 19 -8.90 5.64 13.40
N HIS A 20 -7.72 6.10 13.84
CA HIS A 20 -6.68 5.22 14.31
C HIS A 20 -6.97 4.48 15.62
N LYS A 21 -8.06 4.85 16.29
CA LYS A 21 -8.56 4.04 17.42
C LYS A 21 -9.39 2.81 17.05
N ASP A 22 -9.86 2.72 15.80
CA ASP A 22 -10.66 1.56 15.36
C ASP A 22 -9.85 0.25 15.31
N LYS A 23 -10.55 -0.87 15.50
CA LYS A 23 -9.91 -2.19 15.36
C LYS A 23 -9.49 -2.39 13.86
N GLY A 24 -8.27 -2.80 13.65
CA GLY A 24 -7.77 -3.16 12.27
C GLY A 24 -8.37 -4.48 11.78
N LEU A 25 -8.32 -4.73 10.46
CA LEU A 25 -7.62 -3.88 9.49
C LEU A 25 -8.37 -2.55 9.23
N GLN A 26 -7.69 -1.40 9.33
CA GLN A 26 -8.37 -0.08 9.29
C GLN A 26 -8.76 0.37 7.87
N SER A 27 -7.93 0.03 6.88
CA SER A 27 -8.11 0.51 5.46
C SER A 27 -7.86 -0.60 4.48
N LEU A 28 -8.72 -0.69 3.45
CA LEU A 28 -8.59 -1.71 2.40
C LEU A 28 -8.46 -0.93 1.07
N THR A 29 -7.27 -0.96 0.50
CA THR A 29 -7.05 -0.24 -0.79
C THR A 29 -7.71 -0.97 -1.95
N LEU A 30 -8.55 -0.28 -2.70
CA LEU A 30 -9.24 -0.83 -3.87
C LEU A 30 -8.37 -0.76 -5.13
N ASP A 31 -8.09 -1.90 -5.76
CA ASP A 31 -7.25 -1.99 -6.96
C ASP A 31 -7.91 -2.90 -8.00
N GLN A 32 -7.93 -4.22 -7.71
CA GLN A 32 -8.68 -5.12 -8.55
C GLN A 32 -10.16 -4.82 -8.56
N SER A 33 -10.72 -4.27 -7.47
CA SER A 33 -12.16 -4.04 -7.40
C SER A 33 -12.71 -2.92 -8.31
N VAL A 34 -11.85 -1.98 -8.71
CA VAL A 34 -12.26 -0.88 -9.63
C VAL A 34 -11.11 -0.53 -10.53
N ARG A 35 -11.22 -0.78 -11.85
CA ARG A 35 -10.13 -0.41 -12.76
C ARG A 35 -9.91 1.10 -12.86
N LYS A 36 -8.68 1.50 -13.21
CA LYS A 36 -8.41 2.92 -13.54
C LYS A 36 -9.44 3.43 -14.52
N ASN A 37 -9.95 4.62 -14.25
CA ASN A 37 -10.95 5.28 -15.11
C ASN A 37 -12.38 4.85 -14.90
N GLU A 38 -12.66 3.81 -14.12
CA GLU A 38 -14.03 3.47 -13.79
C GLU A 38 -14.38 4.06 -12.41
N LYS A 39 -15.64 4.00 -12.08
CA LYS A 39 -16.18 4.41 -10.80
C LYS A 39 -16.89 3.19 -10.15
N LEU A 40 -16.71 3.02 -8.83
CA LEU A 40 -17.50 2.02 -8.06
C LEU A 40 -18.31 2.70 -6.99
N LYS A 41 -19.64 2.72 -7.14
CA LYS A 41 -20.49 3.28 -6.18
C LYS A 41 -21.07 2.26 -5.25
N LEU A 42 -20.80 2.42 -3.94
CA LEU A 42 -21.38 1.54 -2.89
C LEU A 42 -22.43 2.22 -2.10
N ALA A 43 -23.45 1.48 -1.69
CA ALA A 43 -24.54 2.02 -0.91
C ALA A 43 -25.07 1.10 0.13
N ALA A 44 -25.35 1.62 1.33
CA ALA A 44 -25.94 0.80 2.39
C ALA A 44 -26.45 1.72 3.55
N GLN A 45 -27.53 1.28 4.22
CA GLN A 45 -28.08 1.97 5.44
C GLN A 45 -28.30 3.50 5.15
N GLY A 46 -28.69 3.86 3.94
CA GLY A 46 -28.98 5.26 3.63
C GLY A 46 -27.84 6.15 3.20
N ALA A 47 -26.58 5.58 3.15
CA ALA A 47 -25.37 6.27 2.75
C ALA A 47 -24.90 5.75 1.40
N GLU A 48 -24.05 6.51 0.75
CA GLU A 48 -23.48 6.20 -0.50
C GLU A 48 -22.09 6.84 -0.62
N LYS A 49 -21.18 6.17 -1.26
CA LYS A 49 -19.85 6.73 -1.63
C LYS A 49 -19.32 6.12 -2.92
N THR A 50 -18.65 6.92 -3.75
CA THR A 50 -18.06 6.49 -5.01
C THR A 50 -16.52 6.43 -4.82
N TYR A 51 -15.91 5.35 -5.29
CA TYR A 51 -14.48 5.04 -5.29
C TYR A 51 -13.87 4.92 -6.67
N GLY A 52 -12.62 5.34 -6.81
CA GLY A 52 -11.76 5.02 -7.99
C GLY A 52 -10.57 4.23 -7.58
N ASN A 53 -9.85 3.75 -8.58
CA ASN A 53 -8.66 2.90 -8.38
C ASN A 53 -7.59 3.63 -7.53
N GLY A 54 -7.22 3.02 -6.40
CA GLY A 54 -6.27 3.61 -5.40
C GLY A 54 -6.93 4.17 -4.13
N ASP A 55 -8.22 4.48 -4.19
CA ASP A 55 -8.96 4.90 -2.98
C ASP A 55 -9.10 3.70 -2.01
N SER A 56 -9.27 4.00 -0.71
CA SER A 56 -9.41 2.98 0.31
C SER A 56 -10.81 3.00 0.95
N LEU A 57 -11.32 1.82 1.29
CA LEU A 57 -12.56 1.60 2.02
C LEU A 57 -12.18 1.60 3.52
N ASN A 58 -13.00 2.23 4.36
CA ASN A 58 -12.79 2.31 5.80
C ASN A 58 -13.35 1.06 6.51
N THR A 59 -12.58 -0.03 6.42
CA THR A 59 -12.92 -1.27 7.09
C THR A 59 -12.82 -1.19 8.61
N GLY A 60 -12.09 -0.24 9.14
CA GLY A 60 -12.07 -0.02 10.59
C GLY A 60 -13.43 0.06 11.22
N LYS A 61 -14.43 0.55 10.49
CA LYS A 61 -15.85 0.60 11.00
C LYS A 61 -16.67 -0.70 10.91
N LEU A 62 -16.15 -1.73 10.21
CA LEU A 62 -16.86 -3.01 10.00
C LEU A 62 -16.50 -4.03 11.09
N LYS A 63 -17.32 -5.06 11.23
CA LYS A 63 -17.08 -6.17 12.16
C LYS A 63 -16.05 -7.17 11.68
N ASN A 64 -15.13 -7.52 12.57
CA ASN A 64 -14.19 -8.62 12.27
C ASN A 64 -14.83 -9.99 12.14
N ASP A 65 -14.26 -10.83 11.26
CA ASP A 65 -14.59 -12.26 11.06
C ASP A 65 -16.04 -12.49 10.56
N LYS A 66 -16.61 -11.51 9.83
CA LYS A 66 -17.94 -11.60 9.23
C LYS A 66 -17.88 -11.01 7.81
N VAL A 67 -18.90 -11.37 7.05
CA VAL A 67 -19.12 -10.79 5.74
C VAL A 67 -20.04 -9.56 5.92
N SER A 68 -19.57 -8.42 5.46
CA SER A 68 -20.35 -7.16 5.36
C SER A 68 -20.86 -7.00 3.94
N ARG A 69 -22.14 -6.58 3.78
CA ARG A 69 -22.76 -6.51 2.45
C ARG A 69 -23.26 -5.10 2.06
N PHE A 70 -22.93 -4.67 0.86
CA PHE A 70 -23.24 -3.35 0.27
C PHE A 70 -23.90 -3.55 -1.10
N ASP A 71 -24.85 -2.67 -1.49
CA ASP A 71 -25.22 -2.59 -2.92
C ASP A 71 -24.08 -1.99 -3.69
N PHE A 72 -23.88 -2.41 -4.96
CA PHE A 72 -22.92 -1.77 -5.83
C PHE A 72 -23.43 -1.46 -7.27
N ILE A 73 -22.86 -0.38 -7.83
CA ILE A 73 -23.02 0.00 -9.24
C ILE A 73 -21.67 0.36 -9.81
N ARG A 74 -21.22 -0.37 -10.84
CA ARG A 74 -19.97 -0.04 -11.54
C ARG A 74 -20.29 0.89 -12.74
N GLN A 75 -19.59 2.04 -12.84
CA GLN A 75 -19.88 3.08 -13.85
C GLN A 75 -18.64 3.56 -14.59
N ILE A 76 -18.87 4.16 -15.75
CA ILE A 76 -17.77 4.89 -16.41
C ILE A 76 -18.34 6.21 -16.91
N GLU A 77 -17.56 7.30 -16.82
CA GLU A 77 -18.03 8.59 -17.37
C GLU A 77 -17.35 8.85 -18.72
N VAL A 78 -18.15 8.98 -19.78
CA VAL A 78 -17.58 9.22 -21.12
C VAL A 78 -18.22 10.46 -21.69
N ASP A 79 -17.34 11.39 -22.08
CA ASP A 79 -17.64 12.81 -22.36
C ASP A 79 -19.02 13.30 -21.86
N GLY A 80 -19.15 13.32 -20.54
CA GLY A 80 -20.31 13.91 -19.86
C GLY A 80 -21.32 12.91 -19.39
N GLN A 81 -21.33 11.72 -19.99
CA GLN A 81 -22.37 10.71 -19.74
C GLN A 81 -21.84 9.60 -18.79
N LEU A 82 -22.60 9.44 -17.70
CA LEU A 82 -22.38 8.44 -16.66
C LEU A 82 -23.12 7.16 -17.03
N ILE A 83 -22.37 6.12 -17.33
CA ILE A 83 -22.90 4.88 -17.88
C ILE A 83 -22.74 3.70 -16.89
N THR A 84 -23.83 2.93 -16.69
CA THR A 84 -23.78 1.65 -15.90
C THR A 84 -23.25 0.45 -16.61
N LEU A 85 -22.20 -0.15 -16.06
CA LEU A 85 -21.59 -1.39 -16.57
C LEU A 85 -22.16 -2.66 -15.88
N GLU A 86 -22.48 -2.57 -14.56
CA GLU A 86 -22.74 -3.79 -13.75
C GLU A 86 -23.37 -3.35 -12.42
N SER A 87 -24.26 -4.15 -11.86
CA SER A 87 -24.81 -3.93 -10.50
C SER A 87 -25.06 -5.23 -9.74
N GLY A 88 -25.11 -5.14 -8.39
CA GLY A 88 -25.38 -6.31 -7.57
C GLY A 88 -25.00 -6.09 -6.13
N GLU A 89 -24.37 -7.10 -5.48
CA GLU A 89 -23.96 -7.00 -4.01
C GLU A 89 -22.45 -7.15 -3.92
N PHE A 90 -21.82 -6.26 -3.16
CA PHE A 90 -20.39 -6.22 -2.92
C PHE A 90 -20.15 -6.68 -1.47
N GLN A 91 -19.32 -7.74 -1.30
CA GLN A 91 -19.11 -8.37 -0.02
C GLN A 91 -17.68 -8.10 0.45
N VAL A 92 -17.56 -7.86 1.76
CA VAL A 92 -16.24 -7.56 2.37
C VAL A 92 -16.06 -8.41 3.60
N TYR A 93 -14.94 -9.14 3.66
CA TYR A 93 -14.60 -10.01 4.84
C TYR A 93 -13.32 -9.48 5.52
N LYS A 94 -13.51 -9.03 6.77
CA LYS A 94 -12.43 -8.33 7.52
C LYS A 94 -11.75 -9.18 8.54
N GLN A 95 -10.40 -9.23 8.49
CA GLN A 95 -9.58 -9.78 9.61
C GLN A 95 -8.74 -8.62 10.23
N SER A 96 -7.75 -8.94 11.10
CA SER A 96 -6.97 -7.91 11.81
C SER A 96 -5.78 -7.33 11.02
N HIS A 97 -5.22 -8.12 10.10
CA HIS A 97 -4.05 -7.78 9.32
C HIS A 97 -4.26 -8.01 7.80
N SER A 98 -5.51 -8.34 7.42
CA SER A 98 -5.84 -8.79 6.05
C SER A 98 -7.38 -8.61 5.89
N ALA A 99 -7.82 -8.55 4.62
CA ALA A 99 -9.23 -8.44 4.29
C ALA A 99 -9.38 -8.78 2.81
N LEU A 100 -10.59 -9.07 2.36
CA LEU A 100 -10.86 -9.33 0.96
C LEU A 100 -12.24 -8.89 0.54
N THR A 101 -12.39 -8.69 -0.75
CA THR A 101 -13.69 -8.32 -1.35
C THR A 101 -14.14 -9.30 -2.41
N ALA A 102 -15.44 -9.25 -2.67
CA ALA A 102 -16.04 -10.07 -3.74
C ALA A 102 -17.30 -9.43 -4.30
N PHE A 103 -17.63 -9.80 -5.56
CA PHE A 103 -18.83 -9.27 -6.25
C PHE A 103 -19.82 -10.41 -6.57
N GLN A 104 -21.07 -10.28 -6.14
CA GLN A 104 -22.26 -11.04 -6.59
C GLN A 104 -22.99 -10.15 -7.63
N THR A 105 -22.71 -10.42 -8.89
CA THR A 105 -23.39 -9.68 -9.99
C THR A 105 -24.82 -10.11 -10.07
N GLU A 106 -25.69 -9.15 -10.33
CA GLU A 106 -27.13 -9.40 -10.60
C GLU A 106 -27.55 -8.86 -11.99
N GLN A 107 -26.88 -7.84 -12.50
CA GLN A 107 -27.18 -7.22 -13.82
C GLN A 107 -25.91 -6.80 -14.49
N ILE A 108 -25.90 -6.95 -15.85
CA ILE A 108 -24.77 -6.52 -16.65
C ILE A 108 -25.25 -5.86 -17.93
N GLN A 109 -24.34 -5.11 -18.60
CA GLN A 109 -24.61 -4.56 -19.92
C GLN A 109 -25.00 -5.70 -20.90
N ASP A 110 -26.06 -5.47 -21.62
CA ASP A 110 -26.66 -6.50 -22.53
C ASP A 110 -25.95 -6.46 -23.93
N SER A 111 -25.29 -7.56 -24.32
CA SER A 111 -24.61 -7.65 -25.65
C SER A 111 -25.50 -8.18 -26.79
N GLU A 112 -26.77 -8.51 -26.52
CA GLU A 112 -27.75 -8.87 -27.58
C GLU A 112 -28.77 -7.76 -27.91
N HIS A 113 -28.98 -6.82 -26.99
CA HIS A 113 -29.83 -5.66 -27.23
C HIS A 113 -29.07 -4.49 -26.60
N SER A 114 -28.42 -3.69 -27.43
CA SER A 114 -27.56 -2.63 -26.89
C SER A 114 -28.41 -1.53 -26.23
N GLY A 115 -27.79 -0.84 -25.28
CA GLY A 115 -28.50 0.14 -24.46
C GLY A 115 -29.15 -0.42 -23.20
N LYS A 116 -29.43 -1.73 -23.15
CA LYS A 116 -30.15 -2.35 -22.02
C LYS A 116 -29.19 -2.97 -21.00
N MET A 117 -29.68 -3.14 -19.77
CA MET A 117 -29.06 -4.02 -18.75
C MET A 117 -29.82 -5.34 -18.81
N VAL A 118 -29.13 -6.45 -18.58
CA VAL A 118 -29.76 -7.74 -18.55
C VAL A 118 -29.46 -8.49 -17.23
N ALA A 119 -30.42 -9.25 -16.72
CA ALA A 119 -30.22 -10.06 -15.51
C ALA A 119 -29.24 -11.19 -15.72
N LYS A 120 -28.19 -11.25 -14.89
CA LYS A 120 -27.16 -12.27 -15.01
C LYS A 120 -26.53 -12.46 -13.61
N ARG A 121 -26.47 -13.70 -13.10
CA ARG A 121 -25.83 -14.00 -11.78
C ARG A 121 -24.47 -14.60 -11.98
N GLN A 122 -23.47 -13.98 -11.34
CA GLN A 122 -22.11 -14.49 -11.36
C GLN A 122 -21.40 -14.05 -10.08
N PHE A 123 -20.36 -14.78 -9.65
CA PHE A 123 -19.66 -14.50 -8.36
C PHE A 123 -18.19 -14.54 -8.58
N ARG A 124 -17.50 -13.46 -8.24
CA ARG A 124 -16.04 -13.42 -8.44
C ARG A 124 -15.34 -12.72 -7.24
N ILE A 125 -14.02 -12.94 -7.15
CA ILE A 125 -13.22 -12.32 -6.12
C ILE A 125 -12.68 -10.99 -6.59
N GLY A 126 -12.67 -9.99 -5.68
CA GLY A 126 -12.04 -8.67 -5.98
C GLY A 126 -10.61 -8.54 -5.49
N ASP A 127 -10.40 -7.71 -4.46
CA ASP A 127 -9.07 -7.56 -3.86
C ASP A 127 -8.79 -8.56 -2.71
N ILE A 128 -7.52 -8.98 -2.58
CA ILE A 128 -7.01 -9.57 -1.40
C ILE A 128 -6.00 -8.57 -0.89
N ALA A 129 -6.20 -8.02 0.30
CA ALA A 129 -5.44 -6.86 0.77
C ALA A 129 -4.93 -7.06 2.17
N GLY A 130 -3.86 -6.34 2.50
CA GLY A 130 -3.40 -6.31 3.91
C GLY A 130 -1.89 -6.16 4.06
N GLU A 131 -1.44 -6.46 5.25
CA GLU A 131 -0.01 -6.35 5.68
C GLU A 131 0.75 -7.60 5.30
N HIS A 132 1.16 -7.69 4.04
CA HIS A 132 1.86 -8.89 3.53
C HIS A 132 3.11 -9.23 4.38
N THR A 133 3.21 -10.50 4.81
CA THR A 133 4.44 -11.02 5.49
C THR A 133 5.55 -11.16 4.44
N SER A 134 6.74 -10.65 4.74
CA SER A 134 7.83 -10.87 3.76
C SER A 134 8.30 -12.35 3.81
N PHE A 135 8.54 -12.96 2.63
CA PHE A 135 9.11 -14.31 2.49
C PHE A 135 10.45 -14.43 3.27
N ASP A 136 11.21 -13.35 3.28
CA ASP A 136 12.54 -13.33 3.89
C ASP A 136 12.51 -13.10 5.37
N LYS A 137 11.35 -12.87 5.96
CA LYS A 137 11.17 -12.72 7.42
C LYS A 137 10.10 -13.60 8.04
N LEU A 138 9.91 -14.76 7.46
CA LEU A 138 9.00 -15.78 8.01
C LEU A 138 9.61 -16.42 9.30
N PRO A 139 8.76 -16.97 10.20
CA PRO A 139 9.25 -17.92 11.22
C PRO A 139 10.14 -18.98 10.61
N GLU A 140 11.27 -19.29 11.26
CA GLU A 140 12.26 -20.26 10.66
C GLU A 140 11.84 -21.76 10.83
N GLY A 141 10.96 -22.05 11.80
CA GLY A 141 10.44 -23.37 12.04
C GLY A 141 9.12 -23.42 12.75
N GLY A 142 8.77 -24.60 13.21
CA GLY A 142 7.51 -24.87 13.81
C GLY A 142 6.32 -24.87 12.82
N ARG A 143 5.15 -24.96 13.37
CA ARG A 143 3.93 -25.15 12.57
C ARG A 143 2.83 -24.26 13.16
N ALA A 144 1.94 -23.75 12.32
CA ALA A 144 0.81 -22.91 12.83
C ALA A 144 -0.48 -23.44 12.16
N THR A 145 -1.58 -23.39 12.89
CA THR A 145 -2.91 -23.79 12.35
C THR A 145 -3.77 -22.52 12.35
N TYR A 146 -4.48 -22.36 11.22
CA TYR A 146 -5.36 -21.24 10.95
C TYR A 146 -6.80 -21.76 10.83
N ARG A 147 -7.75 -21.00 11.39
CA ARG A 147 -9.18 -21.33 11.28
C ARG A 147 -9.97 -20.06 10.89
N GLY A 148 -10.93 -20.27 10.01
CA GLY A 148 -11.73 -19.15 9.51
C GLY A 148 -12.82 -19.58 8.55
N THR A 149 -13.05 -18.73 7.54
CA THR A 149 -14.25 -18.78 6.68
C THR A 149 -13.91 -19.07 5.21
N ALA A 150 -14.77 -19.83 4.54
CA ALA A 150 -14.84 -19.94 3.09
C ALA A 150 -16.24 -19.48 2.67
N PHE A 151 -16.30 -18.58 1.72
CA PHE A 151 -17.59 -18.02 1.28
C PHE A 151 -17.68 -18.02 -0.24
N GLY A 152 -18.84 -18.47 -0.76
CA GLY A 152 -19.11 -18.39 -2.21
C GLY A 152 -20.50 -17.79 -2.46
N SER A 153 -20.95 -17.92 -3.70
CA SER A 153 -22.24 -17.39 -4.12
C SER A 153 -23.39 -17.87 -3.19
N ASP A 154 -24.09 -16.93 -2.58
CA ASP A 154 -25.20 -17.12 -1.61
C ASP A 154 -24.86 -18.08 -0.46
N ASP A 155 -23.58 -18.13 -0.03
CA ASP A 155 -23.15 -19.08 0.98
C ASP A 155 -21.92 -18.53 1.74
N ALA A 156 -22.20 -17.87 2.86
CA ALA A 156 -21.13 -17.40 3.74
C ALA A 156 -20.82 -18.34 4.93
N GLY A 157 -21.32 -19.58 4.88
CA GLY A 157 -21.19 -20.57 5.97
C GLY A 157 -20.07 -21.56 5.97
N GLY A 158 -19.21 -21.53 4.97
CA GLY A 158 -18.14 -22.49 4.88
C GLY A 158 -17.05 -22.27 5.94
N LYS A 159 -16.32 -23.34 6.25
CA LYS A 159 -15.29 -23.32 7.27
C LYS A 159 -13.97 -23.73 6.66
N LEU A 160 -12.95 -22.91 6.91
CA LEU A 160 -11.58 -23.10 6.41
C LEU A 160 -10.64 -23.52 7.57
N THR A 161 -9.91 -24.61 7.37
CA THR A 161 -8.81 -25.01 8.28
C THR A 161 -7.56 -25.09 7.43
N TYR A 162 -6.44 -24.52 7.87
CA TYR A 162 -5.23 -24.53 7.06
C TYR A 162 -4.01 -24.60 8.02
N THR A 163 -2.97 -25.36 7.61
CA THR A 163 -1.75 -25.56 8.44
C THR A 163 -0.55 -25.28 7.65
N ILE A 164 0.37 -24.48 8.22
CA ILE A 164 1.64 -24.18 7.57
C ILE A 164 2.78 -24.77 8.42
N ASP A 165 3.64 -25.47 7.73
CA ASP A 165 4.93 -25.98 8.32
C ASP A 165 6.07 -25.10 7.86
N PHE A 166 6.50 -24.25 8.77
CA PHE A 166 7.49 -23.18 8.44
C PHE A 166 8.92 -23.80 8.24
N ALA A 167 9.19 -24.92 8.90
CA ALA A 167 10.50 -25.66 8.60
C ALA A 167 10.56 -26.19 7.18
N ALA A 168 9.44 -26.75 6.70
CA ALA A 168 9.35 -27.26 5.34
C ALA A 168 8.96 -26.23 4.29
N LYS A 169 8.53 -25.06 4.75
CA LYS A 169 7.92 -24.05 3.85
C LYS A 169 6.83 -24.66 2.93
N GLN A 170 5.90 -25.30 3.58
CA GLN A 170 4.74 -25.91 2.90
C GLN A 170 3.48 -25.71 3.72
N GLY A 171 2.34 -25.60 3.02
CA GLY A 171 1.03 -25.56 3.67
C GLY A 171 -0.02 -26.52 3.01
N ASN A 172 -1.04 -26.86 3.76
CA ASN A 172 -2.20 -27.66 3.25
C ASN A 172 -3.44 -27.42 4.13
N GLY A 173 -4.66 -27.71 3.62
CA GLY A 173 -5.81 -27.60 4.49
C GLY A 173 -7.09 -28.13 3.82
N LYS A 174 -8.23 -27.65 4.28
CA LYS A 174 -9.52 -28.09 3.78
C LYS A 174 -10.66 -27.15 3.98
N ILE A 175 -11.68 -27.27 3.11
CA ILE A 175 -12.91 -26.46 3.18
C ILE A 175 -14.02 -27.45 3.56
N GLU A 176 -14.83 -27.07 4.55
CA GLU A 176 -16.00 -27.88 5.02
C GLU A 176 -17.24 -27.04 5.14
N HIS A 177 -18.42 -27.71 5.11
CA HIS A 177 -19.68 -27.08 5.40
C HIS A 177 -20.26 -26.08 4.43
N LEU A 178 -19.74 -25.96 3.22
CA LEU A 178 -20.46 -25.27 2.18
C LEU A 178 -21.68 -26.13 1.78
N LYS A 179 -22.75 -25.43 1.38
CA LYS A 179 -23.97 -26.13 0.94
C LYS A 179 -23.76 -27.04 -0.24
N SER A 180 -23.07 -26.57 -1.27
CA SER A 180 -22.76 -27.43 -2.40
C SER A 180 -21.65 -28.42 -2.15
N PRO A 181 -21.94 -29.74 -2.16
CA PRO A 181 -20.88 -30.71 -1.66
C PRO A 181 -19.56 -30.75 -2.37
N GLU A 182 -19.62 -30.54 -3.69
CA GLU A 182 -18.37 -30.61 -4.43
C GLU A 182 -17.45 -29.35 -4.20
N LEU A 183 -17.93 -28.34 -3.48
CA LEU A 183 -17.09 -27.18 -3.11
C LEU A 183 -16.31 -27.46 -1.82
N ASN A 184 -16.60 -28.55 -1.09
CA ASN A 184 -15.82 -28.88 0.14
C ASN A 184 -14.57 -29.66 -0.19
N VAL A 185 -13.66 -28.94 -0.78
CA VAL A 185 -12.44 -29.48 -1.33
C VAL A 185 -11.23 -29.48 -0.35
N ASP A 186 -10.29 -30.39 -0.53
CA ASP A 186 -8.99 -30.32 0.14
C ASP A 186 -8.08 -29.33 -0.64
N LEU A 187 -7.25 -28.57 0.10
CA LEU A 187 -6.26 -27.63 -0.43
C LEU A 187 -4.93 -28.37 -0.28
N ALA A 188 -4.42 -28.84 -1.40
CA ALA A 188 -3.26 -29.75 -1.37
C ALA A 188 -1.98 -29.10 -0.93
N ALA A 189 -1.07 -29.96 -0.45
CA ALA A 189 0.28 -29.49 -0.08
C ALA A 189 0.92 -28.67 -1.19
N ALA A 190 1.42 -27.48 -0.83
CA ALA A 190 2.00 -26.56 -1.78
C ALA A 190 3.10 -25.73 -1.05
N ASP A 191 4.05 -25.29 -1.84
CA ASP A 191 5.24 -24.57 -1.29
C ASP A 191 4.96 -23.05 -1.08
N ILE A 192 5.56 -22.52 -0.02
CA ILE A 192 5.62 -21.00 0.15
C ILE A 192 6.73 -20.47 -0.78
N LYS A 193 6.45 -19.45 -1.59
CA LYS A 193 7.42 -18.78 -2.47
C LYS A 193 7.29 -17.26 -2.35
N PRO A 194 8.37 -16.53 -2.69
CA PRO A 194 8.30 -15.06 -2.74
C PRO A 194 7.73 -14.62 -4.05
N ASP A 195 6.83 -13.65 -4.06
CA ASP A 195 6.36 -13.03 -5.31
C ASP A 195 7.28 -11.85 -5.71
N GLY A 196 6.89 -11.07 -6.72
CA GLY A 196 7.72 -9.98 -7.22
C GLY A 196 8.02 -8.84 -6.20
N LYS A 197 7.22 -8.75 -5.14
CA LYS A 197 7.40 -7.78 -4.03
C LYS A 197 7.87 -8.44 -2.72
N ARG A 198 8.42 -9.63 -2.89
CA ARG A 198 8.85 -10.56 -1.81
C ARG A 198 7.75 -11.02 -0.88
N HIS A 199 6.47 -10.81 -1.21
CA HIS A 199 5.38 -11.27 -0.38
C HIS A 199 5.36 -12.82 -0.30
N ALA A 200 5.15 -13.39 0.89
CA ALA A 200 5.05 -14.86 1.00
C ALA A 200 3.68 -15.33 0.50
N VAL A 201 3.70 -16.16 -0.54
CA VAL A 201 2.47 -16.65 -1.21
C VAL A 201 2.52 -18.17 -1.45
N ILE A 202 1.35 -18.83 -1.32
CA ILE A 202 1.19 -20.29 -1.54
C ILE A 202 0.23 -20.51 -2.69
N SER A 203 0.65 -21.22 -3.77
CA SER A 203 -0.26 -21.56 -4.87
C SER A 203 -0.26 -23.10 -5.12
N GLY A 204 -1.42 -23.74 -5.10
CA GLY A 204 -1.50 -25.18 -5.33
C GLY A 204 -2.80 -25.67 -5.94
N SER A 205 -2.96 -27.02 -5.88
CA SER A 205 -4.17 -27.70 -6.44
C SER A 205 -5.22 -27.83 -5.35
N VAL A 206 -6.46 -27.87 -5.78
CA VAL A 206 -7.56 -28.36 -4.96
C VAL A 206 -7.97 -29.81 -5.36
N LEU A 207 -8.43 -30.54 -4.36
CA LEU A 207 -8.76 -32.02 -4.59
C LEU A 207 -10.14 -32.35 -4.11
N TYR A 208 -10.87 -33.29 -4.78
CA TYR A 208 -12.15 -33.83 -4.31
C TYR A 208 -12.15 -35.35 -4.52
N ASN A 209 -12.25 -36.10 -3.42
CA ASN A 209 -12.08 -37.57 -3.45
C ASN A 209 -10.84 -37.94 -4.21
N GLN A 210 -9.75 -37.27 -3.82
CA GLN A 210 -8.41 -37.52 -4.38
C GLN A 210 -8.12 -37.02 -5.83
N ALA A 211 -9.11 -36.54 -6.55
CA ALA A 211 -8.85 -36.07 -7.93
C ALA A 211 -8.62 -34.52 -7.95
N GLU A 212 -7.76 -34.06 -8.88
CA GLU A 212 -7.52 -32.62 -9.07
C GLU A 212 -8.79 -31.96 -9.62
N LYS A 213 -9.28 -30.89 -8.95
CA LYS A 213 -10.53 -30.21 -9.31
C LYS A 213 -10.38 -28.66 -9.38
N GLY A 214 -9.18 -28.14 -9.59
CA GLY A 214 -8.95 -26.69 -9.66
C GLY A 214 -7.72 -26.28 -8.87
N SER A 215 -7.75 -25.03 -8.36
CA SER A 215 -6.51 -24.44 -7.80
C SER A 215 -6.86 -23.41 -6.71
N TYR A 216 -5.87 -23.09 -5.84
CA TYR A 216 -6.05 -22.08 -4.80
C TYR A 216 -4.75 -21.24 -4.66
N SER A 217 -4.92 -20.04 -4.10
CA SER A 217 -3.75 -19.19 -3.73
C SER A 217 -4.03 -18.47 -2.43
N LEU A 218 -3.05 -18.45 -1.56
CA LEU A 218 -3.14 -17.77 -0.28
C LEU A 218 -1.91 -16.85 -0.09
N GLY A 219 -2.12 -15.64 0.37
CA GLY A 219 -1.05 -14.85 0.93
C GLY A 219 -0.99 -15.07 2.46
N ILE A 220 0.22 -14.94 3.01
CA ILE A 220 0.47 -14.88 4.49
C ILE A 220 0.57 -13.37 4.89
N PHE A 221 -0.11 -13.01 5.96
CA PHE A 221 -0.26 -11.64 6.45
C PHE A 221 0.07 -11.50 7.93
N GLY A 222 0.54 -10.33 8.26
CA GLY A 222 0.92 -9.96 9.63
C GLY A 222 2.45 -10.10 9.87
N GLY A 223 2.97 -9.29 10.79
CA GLY A 223 4.42 -9.35 11.12
C GLY A 223 4.87 -10.64 11.66
N LYS A 224 3.97 -11.41 12.29
CA LYS A 224 4.26 -12.72 12.82
C LYS A 224 3.43 -13.83 12.12
N ALA A 225 3.08 -13.62 10.85
CA ALA A 225 2.31 -14.66 10.07
C ALA A 225 1.05 -15.09 10.79
N GLN A 226 0.36 -14.14 11.36
CA GLN A 226 -0.94 -14.37 12.10
C GLN A 226 -2.07 -14.88 11.20
N GLU A 227 -2.07 -14.48 9.90
CA GLU A 227 -3.23 -14.70 9.06
C GLU A 227 -2.89 -15.22 7.67
N VAL A 228 -3.90 -15.85 7.03
CA VAL A 228 -3.89 -16.17 5.62
C VAL A 228 -5.15 -15.59 4.95
N ALA A 229 -5.03 -15.25 3.68
CA ALA A 229 -6.19 -14.83 2.90
C ALA A 229 -5.93 -15.05 1.42
N GLY A 230 -7.00 -15.34 0.68
CA GLY A 230 -6.90 -15.59 -0.78
C GLY A 230 -8.17 -16.20 -1.33
N SER A 231 -8.04 -17.18 -2.25
CA SER A 231 -9.23 -17.71 -2.94
C SER A 231 -8.97 -19.05 -3.56
N ALA A 232 -10.04 -19.76 -3.88
CA ALA A 232 -9.97 -21.04 -4.62
C ALA A 232 -10.89 -21.00 -5.85
N GLU A 233 -10.55 -21.78 -6.86
CA GLU A 233 -11.37 -21.96 -8.06
C GLU A 233 -11.65 -23.43 -8.20
N VAL A 234 -12.91 -23.82 -8.24
CA VAL A 234 -13.31 -25.26 -8.37
C VAL A 234 -13.88 -25.42 -9.79
N LYS A 235 -13.29 -26.34 -10.55
CA LYS A 235 -13.73 -26.62 -11.95
C LYS A 235 -14.64 -27.84 -11.97
N THR A 236 -15.75 -27.74 -12.71
CA THR A 236 -16.67 -28.87 -12.91
C THR A 236 -16.81 -29.04 -14.46
N VAL A 237 -16.67 -30.27 -14.95
CA VAL A 237 -16.93 -30.56 -16.40
C VAL A 237 -18.36 -31.08 -16.58
N TYR A 238 -19.04 -30.50 -17.57
CA TYR A 238 -20.41 -30.84 -17.93
C TYR A 238 -20.40 -31.47 -19.38
N TYR A 239 -21.22 -32.51 -19.56
CA TYR A 239 -21.20 -33.39 -20.78
C TYR A 239 -22.57 -33.45 -21.39
N THR A 240 -22.64 -33.46 -22.74
CA THR A 240 -23.90 -33.71 -23.38
C THR A 240 -24.40 -35.14 -23.15
N LYS A 241 -25.71 -35.29 -23.12
CA LYS A 241 -26.35 -36.59 -23.04
C LYS A 241 -27.29 -36.87 -24.20
N ASP A 242 -27.70 -35.83 -24.96
CA ASP A 242 -28.77 -35.96 -25.97
C ASP A 242 -28.32 -35.61 -27.41
N THR A 243 -27.02 -35.65 -27.65
CA THR A 243 -26.48 -35.31 -28.97
C THR A 243 -25.56 -36.48 -29.33
N ASN A 244 -25.39 -36.75 -30.62
CA ASN A 244 -24.45 -37.79 -31.08
C ASN A 244 -23.01 -37.37 -30.90
N ASN A 245 -22.82 -36.08 -31.18
CA ASN A 245 -21.61 -35.38 -30.93
C ASN A 245 -21.42 -35.26 -29.37
N ASN A 246 -20.36 -35.89 -28.85
CA ASN A 246 -19.95 -35.72 -27.44
C ASN A 246 -19.20 -34.39 -27.18
N LEU A 247 -19.90 -33.40 -26.62
CA LEU A 247 -19.30 -32.09 -26.37
C LEU A 247 -19.22 -31.88 -24.83
N THR A 248 -18.32 -30.97 -24.42
CA THR A 248 -18.19 -30.59 -23.00
C THR A 248 -18.28 -29.13 -22.82
N LEU A 249 -18.53 -28.70 -21.58
CA LEU A 249 -18.52 -27.29 -21.18
C LEU A 249 -17.83 -27.29 -19.78
N VAL A 250 -16.92 -26.36 -19.52
CA VAL A 250 -16.30 -26.31 -18.16
C VAL A 250 -16.92 -25.13 -17.40
N GLY A 251 -17.37 -25.37 -16.17
CA GLY A 251 -17.86 -24.31 -15.27
C GLY A 251 -16.81 -24.07 -14.16
N ILE A 252 -16.64 -22.80 -13.75
CA ILE A 252 -15.70 -22.46 -12.64
C ILE A 252 -16.47 -21.76 -11.56
N ARG A 253 -16.28 -22.16 -10.31
CA ARG A 253 -16.94 -21.51 -9.17
C ARG A 253 -15.86 -20.96 -8.24
N HIS A 254 -16.02 -19.68 -7.81
CA HIS A 254 -14.97 -19.01 -7.01
C HIS A 254 -15.36 -19.04 -5.55
N ILE A 255 -14.36 -19.14 -4.67
CA ILE A 255 -14.57 -19.20 -3.20
C ILE A 255 -13.57 -18.24 -2.51
N GLY A 256 -14.06 -17.29 -1.74
CA GLY A 256 -13.14 -16.41 -0.96
C GLY A 256 -12.72 -17.13 0.31
N LEU A 257 -11.43 -16.91 0.70
CA LEU A 257 -10.78 -17.61 1.82
C LEU A 257 -10.11 -16.68 2.79
N ALA A 258 -10.34 -16.86 4.09
CA ALA A 258 -9.64 -16.04 5.12
C ALA A 258 -9.62 -16.80 6.45
N ALA A 259 -8.43 -16.95 7.06
CA ALA A 259 -8.31 -17.55 8.38
C ALA A 259 -7.21 -16.94 9.22
N LYS A 260 -7.25 -17.23 10.52
CA LYS A 260 -6.37 -16.61 11.50
C LYS A 260 -5.91 -17.69 12.51
N GLN A 261 -4.74 -17.47 13.12
CA GLN A 261 -4.34 -18.31 14.26
C GLN A 261 -5.26 -17.91 15.48
N LEU A 262 -5.72 -18.88 16.23
CA LEU A 262 -6.51 -18.59 17.48
C LEU A 262 -5.58 -18.34 18.72
N GLU A 263 -5.99 -17.52 19.70
CA GLU A 263 -5.15 -17.35 20.91
C GLU A 263 -5.20 -18.71 21.62
N HIS A 264 -4.07 -19.09 22.17
CA HIS A 264 -3.93 -20.31 22.95
C HIS A 264 -3.69 -19.99 24.40
N HIS A 265 -4.20 -20.88 25.24
CA HIS A 265 -4.06 -20.67 26.66
C HIS A 265 -2.56 -20.61 26.97
N HIS A 266 -2.09 -19.60 27.71
CA HIS A 266 -0.64 -19.44 28.04
C HIS A 266 -0.47 -18.80 29.46
N HIS A 267 0.76 -18.87 30.01
CA HIS A 267 1.09 -18.30 31.33
C HIS A 267 2.13 -17.17 31.11
N HIS A 268 2.29 -16.30 32.10
CA HIS A 268 3.46 -15.36 32.10
C HIS A 268 4.37 -15.69 33.31
N HIS A 269 4.83 -16.92 33.34
CA HIS A 269 5.86 -17.35 34.28
C HIS A 269 6.29 -18.76 33.87
N GLY B 7 15.90 5.38 23.04
CA GLY B 7 16.03 6.80 22.56
C GLY B 7 15.60 6.95 21.11
N ALA B 8 16.59 6.88 20.21
CA ALA B 8 16.30 7.03 18.76
C ALA B 8 15.58 5.80 18.22
N GLY B 9 15.65 4.64 18.88
CA GLY B 9 14.89 3.44 18.44
C GLY B 9 15.40 2.83 17.14
N LEU B 10 16.64 3.11 16.76
CA LEU B 10 17.19 2.60 15.51
C LEU B 10 17.34 1.07 15.47
N ALA B 11 17.94 0.45 16.52
CA ALA B 11 18.03 -0.99 16.55
C ALA B 11 16.65 -1.65 16.65
N ASP B 12 15.72 -1.00 17.39
CA ASP B 12 14.36 -1.47 17.50
C ASP B 12 13.67 -1.50 16.11
N ALA B 13 13.87 -0.44 15.32
CA ALA B 13 13.30 -0.43 13.97
C ALA B 13 13.75 -1.57 13.09
N LEU B 14 15.05 -1.92 13.20
CA LEU B 14 15.62 -2.95 12.38
C LEU B 14 15.24 -4.41 12.84
N THR B 15 14.90 -4.60 14.11
CA THR B 15 14.68 -5.96 14.64
C THR B 15 13.28 -6.35 15.08
N ALA B 16 12.44 -5.38 15.47
CA ALA B 16 11.02 -5.68 15.92
C ALA B 16 10.01 -5.82 14.83
N PRO B 17 9.09 -6.82 14.90
CA PRO B 17 7.94 -6.79 13.98
C PRO B 17 6.97 -5.62 14.31
N LEU B 18 6.11 -5.32 13.36
CA LEU B 18 5.10 -4.23 13.54
C LEU B 18 4.35 -4.43 14.88
N ASP B 19 4.24 -3.38 15.68
CA ASP B 19 3.43 -3.36 16.89
C ASP B 19 2.39 -2.24 16.73
N HIS B 20 1.12 -2.66 16.73
CA HIS B 20 0.02 -1.69 16.52
C HIS B 20 -0.24 -0.71 17.63
N LYS B 21 0.45 -0.86 18.75
CA LYS B 21 0.38 0.17 19.81
C LYS B 21 1.36 1.36 19.59
N ASP B 22 2.36 1.21 18.68
CA ASP B 22 3.31 2.26 18.42
C ASP B 22 2.67 3.51 17.78
N LYS B 23 3.28 4.70 17.99
CA LYS B 23 2.84 5.94 17.36
C LYS B 23 3.11 5.85 15.84
N GLY B 24 2.10 6.15 15.03
CA GLY B 24 2.24 6.14 13.58
C GLY B 24 3.09 7.33 13.09
N LEU B 25 3.60 7.28 11.83
CA LEU B 25 3.34 6.24 10.85
C LEU B 25 4.04 4.93 11.20
N GLN B 26 3.30 3.83 11.28
CA GLN B 26 3.89 2.55 11.78
C GLN B 26 4.79 1.81 10.75
N SER B 27 4.50 1.92 9.45
CA SER B 27 5.24 1.14 8.40
C SER B 27 5.48 2.01 7.20
N LEU B 28 6.66 1.88 6.57
CA LEU B 28 7.03 2.64 5.37
C LEU B 28 7.45 1.59 4.30
N THR B 29 6.64 1.43 3.27
CA THR B 29 6.95 0.47 2.18
C THR B 29 8.08 0.97 1.30
N LEU B 30 9.14 0.17 1.14
CA LEU B 30 10.33 0.51 0.31
C LEU B 30 10.08 0.14 -1.16
N ASP B 31 10.16 1.08 -2.07
CA ASP B 31 9.93 0.84 -3.48
C ASP B 31 11.06 1.55 -4.25
N GLN B 32 11.00 2.89 -4.29
CA GLN B 32 12.08 3.64 -4.90
C GLN B 32 13.42 3.43 -4.20
N SER B 33 13.41 3.15 -2.91
CA SER B 33 14.65 2.98 -2.15
C SER B 33 15.48 1.73 -2.47
N VAL B 34 14.84 0.69 -3.01
CA VAL B 34 15.56 -0.58 -3.36
C VAL B 34 14.93 -1.19 -4.59
N ARG B 35 15.60 -1.19 -5.75
CA ARG B 35 14.95 -1.77 -6.94
C ARG B 35 14.87 -3.34 -6.87
N LYS B 36 13.95 -3.89 -7.66
CA LYS B 36 13.77 -5.33 -7.74
C LYS B 36 15.15 -5.99 -8.04
N ASN B 37 15.40 -7.09 -7.40
CA ASN B 37 16.66 -7.88 -7.53
C ASN B 37 17.83 -7.36 -6.73
N GLU B 38 17.77 -6.15 -6.14
CA GLU B 38 18.85 -5.66 -5.29
C GLU B 38 18.53 -5.89 -3.80
N LYS B 39 19.53 -5.74 -2.98
CA LYS B 39 19.45 -5.84 -1.54
C LYS B 39 19.88 -4.47 -0.92
N LEU B 40 19.13 -3.94 0.05
CA LEU B 40 19.52 -2.76 0.78
C LEU B 40 19.74 -3.13 2.22
N LYS B 41 21.01 -3.17 2.64
CA LYS B 41 21.35 -3.53 4.00
C LYS B 41 21.53 -2.32 4.87
N LEU B 42 20.71 -2.20 5.93
CA LEU B 42 20.79 -1.08 6.93
C LEU B 42 21.38 -1.53 8.22
N ALA B 43 22.16 -0.69 8.86
CA ALA B 43 22.79 -0.97 10.13
C ALA B 43 22.83 0.21 11.07
N ALA B 44 22.54 -0.02 12.37
CA ALA B 44 22.68 0.96 13.36
C ALA B 44 22.61 0.32 14.79
N GLN B 45 23.31 0.92 15.72
CA GLN B 45 23.24 0.50 17.19
C GLN B 45 23.49 -0.97 17.40
N GLY B 46 24.36 -1.58 16.58
CA GLY B 46 24.67 -3.00 16.68
C GLY B 46 23.75 -4.00 15.99
N ALA B 47 22.68 -3.50 15.31
CA ALA B 47 21.73 -4.28 14.58
C ALA B 47 21.90 -4.10 13.12
N GLU B 48 21.36 -5.01 12.38
CA GLU B 48 21.41 -4.98 10.94
C GLU B 48 20.17 -5.70 10.36
N LYS B 49 19.67 -5.24 9.22
CA LYS B 49 18.63 -5.96 8.46
C LYS B 49 18.71 -5.63 6.97
N THR B 50 18.44 -6.62 6.14
CA THR B 50 18.43 -6.51 4.68
C THR B 50 17.00 -6.47 4.18
N TYR B 51 16.72 -5.52 3.26
CA TYR B 51 15.41 -5.28 2.62
C TYR B 51 15.47 -5.49 1.11
N GLY B 52 14.40 -5.99 0.53
CA GLY B 52 14.13 -5.97 -0.93
C GLY B 52 12.95 -5.19 -1.31
N ASN B 53 12.76 -5.00 -2.60
CA ASN B 53 11.65 -4.20 -3.12
C ASN B 53 10.30 -4.76 -2.68
N GLY B 54 9.50 -3.95 -1.97
CA GLY B 54 8.18 -4.35 -1.42
C GLY B 54 8.15 -4.58 0.09
N ASP B 55 9.32 -4.86 0.70
CA ASP B 55 9.40 -4.96 2.15
C ASP B 55 9.15 -3.58 2.80
N SER B 56 8.72 -3.61 4.08
CA SER B 56 8.47 -2.36 4.82
C SER B 56 9.47 -2.16 5.98
N LEU B 57 9.82 -0.91 6.31
CA LEU B 57 10.64 -0.49 7.41
C LEU B 57 9.66 -0.21 8.59
N ASN B 58 10.05 -0.65 9.77
CA ASN B 58 9.26 -0.38 11.05
C ASN B 58 9.54 1.01 11.63
N THR B 59 8.90 2.02 11.00
CA THR B 59 9.00 3.42 11.44
C THR B 59 8.26 3.68 12.79
N GLY B 60 7.35 2.81 13.17
CA GLY B 60 6.71 2.90 14.47
C GLY B 60 7.64 3.00 15.60
N LYS B 61 8.84 2.41 15.45
CA LYS B 61 9.87 2.50 16.48
C LYS B 61 10.71 3.82 16.54
N LEU B 62 10.65 4.62 15.49
CA LEU B 62 11.44 5.83 15.35
C LEU B 62 10.72 7.03 15.92
N LYS B 63 11.46 8.13 16.18
CA LYS B 63 10.91 9.39 16.67
C LYS B 63 10.22 10.25 15.60
N ASN B 64 9.04 10.75 15.93
CA ASN B 64 8.34 11.69 15.06
C ASN B 64 9.05 13.07 14.95
N ASP B 65 8.98 13.66 13.78
CA ASP B 65 9.40 15.02 13.48
C ASP B 65 10.92 15.20 13.59
N LYS B 66 11.70 14.14 13.32
CA LYS B 66 13.17 14.14 13.30
C LYS B 66 13.67 13.27 12.18
N VAL B 67 14.94 13.52 11.81
CA VAL B 67 15.66 12.68 10.87
C VAL B 67 16.36 11.56 11.68
N SER B 68 16.06 10.31 11.34
CA SER B 68 16.76 9.10 11.85
C SER B 68 17.78 8.68 10.84
N ARG B 69 19.01 8.29 11.30
CA ARG B 69 20.10 7.95 10.41
C ARG B 69 20.65 6.52 10.57
N PHE B 70 20.84 5.84 9.44
CA PHE B 70 21.32 4.45 9.36
C PHE B 70 22.53 4.40 8.42
N ASP B 71 23.50 3.51 8.69
CA ASP B 71 24.48 3.16 7.64
C ASP B 71 23.81 2.29 6.61
N PHE B 72 24.12 2.49 5.32
CA PHE B 72 23.61 1.60 4.26
C PHE B 72 24.68 1.03 3.32
N ILE B 73 24.41 -0.18 2.84
CA ILE B 73 25.10 -0.80 1.71
C ILE B 73 24.13 -1.33 0.72
N ARG B 74 24.21 -0.93 -0.57
CA ARG B 74 23.34 -1.47 -1.64
C ARG B 74 24.08 -2.56 -2.43
N GLN B 75 23.46 -3.74 -2.61
CA GLN B 75 24.17 -4.96 -3.13
C GLN B 75 23.39 -5.66 -4.20
N ILE B 76 24.08 -6.48 -5.02
CA ILE B 76 23.39 -7.44 -5.89
C ILE B 76 24.14 -8.79 -5.84
N GLU B 77 23.41 -9.91 -5.92
CA GLU B 77 24.05 -11.23 -6.09
C GLU B 77 23.99 -11.64 -7.57
N VAL B 78 25.16 -11.86 -8.19
CA VAL B 78 25.21 -12.29 -9.61
C VAL B 78 26.10 -13.49 -9.76
N ASP B 79 25.54 -14.54 -10.39
CA ASP B 79 26.19 -15.84 -10.59
C ASP B 79 27.12 -16.20 -9.42
N GLY B 80 26.51 -16.15 -8.23
CA GLY B 80 27.14 -16.60 -7.00
C GLY B 80 27.68 -15.46 -6.19
N GLN B 81 27.98 -14.33 -6.85
CA GLN B 81 28.85 -13.31 -6.24
C GLN B 81 28.03 -12.12 -5.67
N LEU B 82 28.24 -11.77 -4.39
CA LEU B 82 27.66 -10.63 -3.71
C LEU B 82 28.51 -9.39 -3.90
N ILE B 83 27.95 -8.43 -4.61
CA ILE B 83 28.67 -7.27 -5.10
C ILE B 83 28.11 -5.94 -4.54
N THR B 84 29.01 -5.06 -4.06
CA THR B 84 28.65 -3.70 -3.61
C THR B 84 28.49 -2.68 -4.71
N LEU B 85 27.31 -2.07 -4.79
CA LEU B 85 26.99 -1.06 -5.72
C LEU B 85 27.20 0.36 -5.14
N GLU B 86 26.93 0.58 -3.83
CA GLU B 86 26.84 1.93 -3.27
C GLU B 86 26.83 1.80 -1.76
N SER B 87 27.42 2.77 -1.08
CA SER B 87 27.34 2.87 0.42
C SER B 87 27.26 4.32 0.88
N GLY B 88 26.75 4.54 2.10
CA GLY B 88 26.70 5.87 2.68
C GLY B 88 25.72 5.91 3.86
N GLU B 89 24.92 7.01 3.97
CA GLU B 89 23.94 7.13 5.08
C GLU B 89 22.50 7.22 4.50
N PHE B 90 21.58 6.44 5.09
CA PHE B 90 20.13 6.41 4.77
C PHE B 90 19.39 7.21 5.84
N GLN B 91 18.58 8.20 5.42
CA GLN B 91 17.93 9.09 6.30
C GLN B 91 16.38 8.91 6.19
N VAL B 92 15.68 8.93 7.35
CA VAL B 92 14.21 8.69 7.42
C VAL B 92 13.64 9.78 8.23
N TYR B 93 12.67 10.51 7.66
CA TYR B 93 11.93 11.57 8.37
C TYR B 93 10.45 11.10 8.57
N LYS B 94 10.05 10.92 9.84
CA LYS B 94 8.73 10.40 10.22
C LYS B 94 7.71 11.42 10.69
N GLN B 95 6.53 11.40 10.09
CA GLN B 95 5.36 12.12 10.62
C GLN B 95 4.28 11.10 11.01
N SER B 96 3.07 11.59 11.32
CA SER B 96 1.98 10.67 11.84
C SER B 96 1.17 9.92 10.83
N HIS B 97 1.11 10.44 9.61
CA HIS B 97 0.36 9.87 8.48
C HIS B 97 1.14 9.81 7.17
N SER B 98 2.47 10.07 7.25
CA SER B 98 3.34 10.24 6.11
C SER B 98 4.79 10.10 6.63
N ALA B 99 5.71 9.81 5.70
CA ALA B 99 7.16 9.71 6.04
C ALA B 99 7.92 9.75 4.71
N LEU B 100 9.26 9.98 4.73
CA LEU B 100 10.07 9.91 3.56
C LEU B 100 11.46 9.44 3.86
N THR B 101 12.12 9.00 2.82
CA THR B 101 13.53 8.53 2.88
C THR B 101 14.42 9.31 1.96
N ALA B 102 15.72 9.29 2.27
CA ALA B 102 16.73 9.89 1.40
C ALA B 102 18.07 9.20 1.59
N PHE B 103 18.95 9.37 0.55
CA PHE B 103 20.30 8.71 0.54
C PHE B 103 21.36 9.83 0.47
N GLN B 104 22.32 9.78 1.37
CA GLN B 104 23.61 10.49 1.29
C GLN B 104 24.68 9.43 0.85
N THR B 105 24.94 9.38 -0.47
CA THR B 105 25.99 8.48 -1.03
C THR B 105 27.31 9.00 -0.53
N GLU B 106 28.21 8.05 -0.21
CA GLU B 106 29.60 8.33 0.06
C GLU B 106 30.56 7.54 -0.89
N GLN B 107 30.13 6.40 -1.39
CA GLN B 107 30.93 5.56 -2.35
C GLN B 107 30.10 4.92 -3.36
N ILE B 108 30.62 4.80 -4.60
CA ILE B 108 29.95 4.09 -5.67
C ILE B 108 30.94 3.16 -6.40
N GLN B 109 30.43 2.19 -7.15
CA GLN B 109 31.29 1.43 -8.10
C GLN B 109 32.06 2.34 -9.03
N ASP B 110 33.38 2.08 -9.18
CA ASP B 110 34.24 2.92 -10.03
C ASP B 110 34.14 2.36 -11.52
N SER B 111 33.51 3.14 -12.39
CA SER B 111 33.33 2.77 -13.82
C SER B 111 34.57 3.01 -14.70
N GLU B 112 35.58 3.70 -14.19
CA GLU B 112 36.78 3.99 -14.97
C GLU B 112 37.99 3.17 -14.59
N HIS B 113 38.05 2.68 -13.33
CA HIS B 113 39.23 1.98 -12.75
C HIS B 113 38.60 0.74 -12.07
N SER B 114 38.68 -0.41 -12.71
CA SER B 114 37.92 -1.59 -12.26
C SER B 114 38.47 -2.16 -10.94
N GLY B 115 37.58 -2.80 -10.20
CA GLY B 115 37.90 -3.29 -8.87
C GLY B 115 37.69 -2.29 -7.75
N LYS B 116 37.69 -1.00 -8.06
CA LYS B 116 37.58 0.02 -7.02
C LYS B 116 36.12 0.42 -6.77
N MET B 117 35.92 0.83 -5.54
CA MET B 117 34.83 1.72 -5.17
C MET B 117 35.49 3.06 -5.30
N VAL B 118 34.74 4.10 -5.68
CA VAL B 118 35.27 5.45 -5.70
C VAL B 118 34.45 6.36 -4.76
N ALA B 119 35.12 7.26 -4.05
CA ALA B 119 34.45 8.24 -3.18
C ALA B 119 33.67 9.25 -4.01
N LYS B 120 32.35 9.37 -3.77
CA LYS B 120 31.50 10.25 -4.55
C LYS B 120 30.37 10.70 -3.58
N ARG B 121 30.18 12.01 -3.39
CA ARG B 121 29.08 12.51 -2.53
C ARG B 121 27.94 12.98 -3.35
N GLN B 122 26.75 12.45 -3.09
CA GLN B 122 25.54 12.88 -3.73
C GLN B 122 24.37 12.70 -2.78
N PHE B 123 23.32 13.46 -3.00
CA PHE B 123 22.12 13.38 -2.11
C PHE B 123 20.88 13.28 -2.96
N ARG B 124 20.05 12.25 -2.72
CA ARG B 124 18.81 12.07 -3.47
C ARG B 124 17.65 11.65 -2.57
N ILE B 125 16.43 11.84 -3.06
CA ILE B 125 15.23 11.41 -2.33
C ILE B 125 14.93 9.97 -2.68
N GLY B 126 14.48 9.17 -1.72
CA GLY B 126 13.97 7.81 -1.98
C GLY B 126 12.46 7.72 -2.13
N ASP B 127 11.79 7.15 -1.14
CA ASP B 127 10.31 7.03 -1.14
C ASP B 127 9.58 8.17 -0.37
N ILE B 128 8.43 8.60 -0.89
CA ILE B 128 7.53 9.47 -0.16
C ILE B 128 6.36 8.52 0.07
N ALA B 129 6.01 8.24 1.35
CA ALA B 129 5.05 7.19 1.71
C ALA B 129 4.01 7.66 2.71
N GLY B 130 2.83 6.99 2.69
CA GLY B 130 1.85 7.30 3.72
C GLY B 130 0.44 7.07 3.31
N GLU B 131 -0.48 7.62 4.11
CA GLU B 131 -1.93 7.51 3.86
C GLU B 131 -2.38 8.61 2.96
N HIS B 132 -2.26 8.43 1.65
CA HIS B 132 -2.58 9.47 0.64
C HIS B 132 -4.05 9.95 0.78
N THR B 133 -4.24 11.26 0.92
CA THR B 133 -5.61 11.84 0.88
C THR B 133 -6.17 11.72 -0.54
N SER B 134 -7.38 11.15 -0.69
CA SER B 134 -8.01 11.11 -2.04
C SER B 134 -8.39 12.55 -2.52
N PHE B 135 -8.10 12.88 -3.79
CA PHE B 135 -8.47 14.14 -4.42
C PHE B 135 -9.98 14.36 -4.31
N ASP B 136 -10.72 13.27 -4.41
CA ASP B 136 -12.16 13.33 -4.40
C ASP B 136 -12.79 13.41 -3.02
N LYS B 137 -11.99 13.39 -1.96
CA LYS B 137 -12.41 13.54 -0.58
C LYS B 137 -11.68 14.62 0.25
N LEU B 138 -11.25 15.67 -0.42
CA LEU B 138 -10.62 16.81 0.27
C LEU B 138 -11.65 17.65 1.00
N PRO B 139 -11.25 18.42 2.00
CA PRO B 139 -12.09 19.54 2.49
C PRO B 139 -12.64 20.38 1.36
N GLU B 140 -13.90 20.80 1.44
CA GLU B 140 -14.49 21.56 0.36
C GLU B 140 -14.16 23.11 0.39
N GLY B 141 -13.77 23.64 1.55
CA GLY B 141 -13.33 25.02 1.69
C GLY B 141 -12.38 25.23 2.89
N GLY B 142 -12.15 26.47 3.22
CA GLY B 142 -11.23 26.90 4.23
C GLY B 142 -9.76 26.78 3.76
N ARG B 143 -8.86 27.05 4.70
CA ARG B 143 -7.46 27.11 4.40
C ARG B 143 -6.68 26.47 5.52
N ALA B 144 -5.55 25.85 5.19
CA ALA B 144 -4.72 25.20 6.27
C ALA B 144 -3.31 25.61 6.09
N THR B 145 -2.62 25.82 7.21
CA THR B 145 -1.15 26.16 7.18
C THR B 145 -0.40 24.99 7.83
N TYR B 146 0.69 24.63 7.17
CA TYR B 146 1.49 23.51 7.53
C TYR B 146 2.88 24.06 7.90
N ARG B 147 3.50 23.47 8.91
CA ARG B 147 4.87 23.81 9.31
C ARG B 147 5.64 22.56 9.59
N GLY B 148 6.92 22.57 9.14
CA GLY B 148 7.75 21.37 9.34
C GLY B 148 9.19 21.61 8.83
N THR B 149 9.80 20.57 8.24
CA THR B 149 11.23 20.52 7.97
C THR B 149 11.51 20.48 6.45
N ALA B 150 12.63 21.11 6.09
CA ALA B 150 13.27 20.94 4.81
C ALA B 150 14.70 20.48 5.08
N PHE B 151 15.10 19.39 4.47
CA PHE B 151 16.41 18.76 4.75
C PHE B 151 17.12 18.44 3.43
N GLY B 152 18.39 18.84 3.34
CA GLY B 152 19.27 18.49 2.20
C GLY B 152 20.60 17.92 2.72
N SER B 153 21.54 17.78 1.78
CA SER B 153 22.88 17.23 2.09
C SER B 153 23.54 17.98 3.27
N ASP B 154 23.84 17.23 4.32
CA ASP B 154 24.45 17.69 5.57
C ASP B 154 23.73 18.84 6.24
N ASP B 155 22.41 18.92 6.06
CA ASP B 155 21.64 20.01 6.58
C ASP B 155 20.17 19.61 6.87
N ALA B 156 19.92 19.22 8.12
CA ALA B 156 18.57 18.89 8.55
C ALA B 156 17.85 20.02 9.28
N GLY B 157 18.34 21.26 9.18
CA GLY B 157 17.82 22.46 9.84
C GLY B 157 16.88 23.39 9.17
N GLY B 158 16.51 23.09 7.93
CA GLY B 158 15.62 23.93 7.19
C GLY B 158 14.18 23.89 7.68
N LYS B 159 13.46 24.95 7.45
CA LYS B 159 12.11 25.13 7.94
C LYS B 159 11.18 25.35 6.75
N LEU B 160 10.12 24.52 6.69
CA LEU B 160 9.12 24.59 5.64
C LEU B 160 7.81 25.22 6.17
N THR B 161 7.24 26.19 5.45
CA THR B 161 5.90 26.73 5.73
C THR B 161 5.12 26.54 4.45
N TYR B 162 3.88 26.09 4.49
CA TYR B 162 3.13 25.84 3.26
C TYR B 162 1.65 26.09 3.59
N THR B 163 0.91 26.68 2.66
CA THR B 163 -0.56 26.98 2.87
C THR B 163 -1.35 26.46 1.75
N ILE B 164 -2.45 25.75 2.05
CA ILE B 164 -3.36 25.29 1.03
C ILE B 164 -4.76 26.01 1.19
N ASP B 165 -5.26 26.48 0.05
CA ASP B 165 -6.68 27.02 -0.06
C ASP B 165 -7.54 25.97 -0.71
N PHE B 166 -8.36 25.32 0.12
CA PHE B 166 -9.15 24.16 -0.36
C PHE B 166 -10.31 24.64 -1.29
N ALA B 167 -10.77 25.89 -1.14
CA ALA B 167 -11.80 26.39 -2.08
C ALA B 167 -11.25 26.59 -3.48
N ALA B 168 -10.02 27.13 -3.56
CA ALA B 168 -9.33 27.34 -4.81
C ALA B 168 -8.57 26.14 -5.31
N LYS B 169 -8.40 25.13 -4.45
CA LYS B 169 -7.56 23.96 -4.81
C LYS B 169 -6.17 24.42 -5.31
N GLN B 170 -5.56 25.28 -4.50
CA GLN B 170 -4.20 25.80 -4.76
C GLN B 170 -3.37 25.85 -3.44
N GLY B 171 -2.05 25.63 -3.57
CA GLY B 171 -1.13 25.85 -2.45
C GLY B 171 0.08 26.70 -2.86
N ASN B 172 0.79 27.21 -1.86
CA ASN B 172 2.11 27.88 -2.05
C ASN B 172 2.86 27.93 -0.70
N GLY B 173 4.19 28.17 -0.75
CA GLY B 173 4.88 28.29 0.52
C GLY B 173 6.33 28.73 0.36
N LYS B 174 7.16 28.37 1.32
CA LYS B 174 8.57 28.81 1.33
C LYS B 174 9.47 27.97 2.22
N ILE B 175 10.75 27.92 1.85
CA ILE B 175 11.79 27.26 2.66
C ILE B 175 12.66 28.40 3.28
N GLU B 176 12.98 28.25 4.55
CA GLU B 176 13.87 29.16 5.26
C GLU B 176 14.92 28.41 6.09
N HIS B 177 16.00 29.11 6.45
CA HIS B 177 17.00 28.66 7.37
C HIS B 177 17.88 27.48 6.98
N LEU B 178 17.88 27.05 5.71
CA LEU B 178 18.94 26.18 5.21
C LEU B 178 20.27 27.02 5.25
N LYS B 179 21.38 26.33 5.44
CA LYS B 179 22.70 26.97 5.56
C LYS B 179 23.04 27.67 4.27
N SER B 180 22.77 27.00 3.13
CA SER B 180 23.01 27.64 1.83
C SER B 180 21.97 28.58 1.37
N PRO B 181 22.24 29.95 1.30
CA PRO B 181 21.14 30.85 1.09
C PRO B 181 20.29 30.66 -0.18
N GLU B 182 20.95 30.24 -1.24
CA GLU B 182 20.24 30.05 -2.50
C GLU B 182 19.25 28.84 -2.49
N LEU B 183 19.27 28.03 -1.44
CA LEU B 183 18.25 26.91 -1.27
C LEU B 183 17.01 27.38 -0.54
N ASN B 184 17.05 28.59 0.04
CA ASN B 184 15.81 29.10 0.71
C ASN B 184 14.82 29.73 -0.24
N VAL B 185 14.15 28.87 -1.03
CA VAL B 185 13.43 29.29 -2.19
C VAL B 185 11.92 29.46 -1.87
N ASP B 186 11.20 30.14 -2.75
CA ASP B 186 9.74 30.16 -2.68
C ASP B 186 9.18 29.00 -3.47
N LEU B 187 8.12 28.42 -2.94
CA LEU B 187 7.37 27.33 -3.64
C LEU B 187 6.12 28.01 -4.22
N ALA B 188 6.13 28.22 -5.52
CA ALA B 188 5.11 29.07 -6.22
C ALA B 188 3.74 28.47 -6.18
N ALA B 189 2.76 29.35 -6.28
CA ALA B 189 1.37 28.86 -6.36
C ALA B 189 1.17 27.78 -7.43
N ALA B 190 0.49 26.68 -7.04
CA ALA B 190 0.28 25.54 -7.93
C ALA B 190 -1.07 24.83 -7.56
N ASP B 191 -1.66 24.21 -8.56
CA ASP B 191 -2.98 23.53 -8.36
C ASP B 191 -2.85 22.13 -7.72
N ILE B 192 -3.84 21.78 -6.88
CA ILE B 192 -4.04 20.37 -6.44
C ILE B 192 -4.70 19.63 -7.63
N LYS B 193 -4.14 18.48 -7.99
CA LYS B 193 -4.70 17.58 -9.00
C LYS B 193 -4.66 16.10 -8.55
N PRO B 194 -5.53 15.26 -9.14
CA PRO B 194 -5.49 13.82 -8.87
C PRO B 194 -4.41 13.15 -9.67
N ASP B 195 -3.60 12.25 -9.08
CA ASP B 195 -2.71 11.40 -9.84
C ASP B 195 -3.38 10.09 -10.34
N GLY B 196 -2.57 9.15 -10.83
CA GLY B 196 -3.12 7.90 -11.44
C GLY B 196 -3.86 6.96 -10.46
N LYS B 197 -3.64 7.20 -9.17
CA LYS B 197 -4.34 6.47 -8.06
C LYS B 197 -5.29 7.37 -7.25
N ARG B 198 -5.73 8.44 -7.90
CA ARG B 198 -6.54 9.55 -7.36
C ARG B 198 -5.93 10.25 -6.14
N HIS B 199 -4.64 10.04 -5.89
CA HIS B 199 -3.98 10.74 -4.77
C HIS B 199 -3.97 12.26 -5.04
N ALA B 200 -4.24 13.08 -4.02
CA ALA B 200 -4.13 14.54 -4.15
C ALA B 200 -2.64 15.00 -4.12
N VAL B 201 -2.20 15.63 -5.22
CA VAL B 201 -0.80 16.04 -5.37
C VAL B 201 -0.68 17.46 -5.97
N ILE B 202 0.37 18.17 -5.56
CA ILE B 202 0.66 19.56 -6.04
C ILE B 202 2.03 19.59 -6.66
N SER B 203 2.14 20.01 -7.96
CA SER B 203 3.44 20.12 -8.63
C SER B 203 3.61 21.57 -9.19
N GLY B 204 4.66 22.24 -8.79
CA GLY B 204 4.93 23.62 -9.27
C GLY B 204 6.38 24.03 -9.39
N SER B 205 6.58 25.33 -9.66
CA SER B 205 7.94 25.92 -9.82
C SER B 205 8.52 26.35 -8.47
N VAL B 206 9.84 26.35 -8.40
CA VAL B 206 10.58 26.98 -7.36
C VAL B 206 11.12 28.35 -7.88
N LEU B 207 11.08 29.34 -7.02
CA LEU B 207 11.62 30.73 -7.40
C LEU B 207 12.67 31.23 -6.46
N TYR B 208 13.69 31.96 -6.98
CA TYR B 208 14.68 32.67 -6.13
C TYR B 208 14.90 34.06 -6.74
N ASN B 209 14.56 35.11 -5.98
CA ASN B 209 14.58 36.51 -6.47
C ASN B 209 13.88 36.58 -7.81
N GLN B 210 12.72 35.94 -7.85
CA GLN B 210 11.82 36.00 -8.97
C GLN B 210 12.21 35.23 -10.20
N ALA B 211 13.36 34.61 -10.23
CA ALA B 211 13.68 33.76 -11.37
C ALA B 211 13.26 32.30 -11.08
N GLU B 212 12.79 31.60 -12.12
CA GLU B 212 12.50 30.14 -12.02
C GLU B 212 13.84 29.38 -11.82
N LYS B 213 13.93 28.57 -10.76
CA LYS B 213 15.17 27.91 -10.37
C LYS B 213 14.88 26.42 -10.03
N GLY B 214 13.88 25.84 -10.63
CA GLY B 214 13.60 24.41 -10.38
C GLY B 214 12.12 24.13 -10.15
N SER B 215 11.83 23.05 -9.38
CA SER B 215 10.46 22.57 -9.25
C SER B 215 10.26 21.82 -7.92
N TYR B 216 8.98 21.67 -7.52
CA TYR B 216 8.70 20.90 -6.28
C TYR B 216 7.44 20.07 -6.50
N SER B 217 7.26 19.06 -5.65
CA SER B 217 6.04 18.24 -5.60
C SER B 217 5.68 17.82 -4.22
N LEU B 218 4.40 17.94 -3.84
CA LEU B 218 3.96 17.55 -2.49
C LEU B 218 2.74 16.66 -2.65
N GLY B 219 2.69 15.56 -1.92
CA GLY B 219 1.43 14.91 -1.68
C GLY B 219 0.74 15.40 -0.39
N ILE B 220 -0.59 15.30 -0.39
CA ILE B 220 -1.42 15.57 0.78
C ILE B 220 -1.75 14.20 1.43
N PHE B 221 -1.62 14.13 2.76
CA PHE B 221 -1.75 12.87 3.52
C PHE B 221 -2.66 13.05 4.75
N GLY B 222 -3.28 11.93 5.12
CA GLY B 222 -4.21 11.86 6.21
C GLY B 222 -5.67 12.01 5.80
N GLY B 223 -6.57 11.39 6.56
CA GLY B 223 -8.01 11.43 6.23
C GLY B 223 -8.61 12.84 6.21
N LYS B 224 -8.00 13.78 6.95
CA LYS B 224 -8.45 15.14 7.02
C LYS B 224 -7.35 16.11 6.49
N ALA B 225 -6.49 15.62 5.60
CA ALA B 225 -5.43 16.49 5.00
C ALA B 225 -4.55 17.16 6.09
N GLN B 226 -4.19 16.36 7.06
CA GLN B 226 -3.34 16.79 8.22
C GLN B 226 -1.89 17.14 7.79
N GLU B 227 -1.39 16.48 6.76
CA GLU B 227 0.04 16.58 6.45
C GLU B 227 0.31 16.77 4.96
N VAL B 228 1.51 17.29 4.66
CA VAL B 228 2.12 17.27 3.34
C VAL B 228 3.53 16.66 3.40
N ALA B 229 3.92 16.00 2.30
CA ALA B 229 5.32 15.44 2.19
C ALA B 229 5.71 15.33 0.69
N GLY B 230 7.00 15.54 0.41
CA GLY B 230 7.49 15.51 -0.96
C GLY B 230 8.88 16.07 -1.02
N SER B 231 9.19 16.80 -2.10
CA SER B 231 10.58 17.21 -2.34
C SER B 231 10.63 18.42 -3.30
N ALA B 232 11.81 19.06 -3.29
CA ALA B 232 12.14 20.17 -4.25
C ALA B 232 13.47 19.90 -4.92
N GLU B 233 13.64 20.43 -6.15
CA GLU B 233 14.88 20.34 -6.88
C GLU B 233 15.28 21.81 -7.19
N VAL B 234 16.48 22.24 -6.81
CA VAL B 234 16.94 23.64 -7.02
C VAL B 234 18.11 23.65 -7.96
N LYS B 235 17.98 24.40 -9.05
CA LYS B 235 19.06 24.45 -10.07
C LYS B 235 20.01 25.63 -9.80
N THR B 236 21.29 25.44 -10.03
CA THR B 236 22.28 26.56 -9.90
C THR B 236 23.10 26.51 -11.18
N VAL B 237 23.33 27.69 -11.79
CA VAL B 237 24.26 27.71 -12.98
C VAL B 237 25.64 28.25 -12.63
N TYR B 238 26.64 27.53 -13.12
CA TYR B 238 28.04 27.82 -12.84
C TYR B 238 28.70 28.23 -14.19
N TYR B 239 29.63 29.17 -14.11
CA TYR B 239 30.30 29.80 -15.34
C TYR B 239 31.80 29.74 -15.26
N THR B 240 32.48 29.54 -16.39
CA THR B 240 33.95 29.75 -16.39
C THR B 240 34.33 31.22 -16.15
N LYS B 241 35.49 31.43 -15.55
CA LYS B 241 36.08 32.75 -15.39
C LYS B 241 37.47 32.86 -16.01
N ASP B 242 38.13 31.73 -16.33
CA ASP B 242 39.56 31.71 -16.72
C ASP B 242 39.84 31.17 -18.14
N THR B 243 38.82 31.14 -18.99
CA THR B 243 38.92 30.56 -20.33
C THR B 243 38.35 31.66 -21.24
N ASN B 244 38.83 31.71 -22.48
CA ASN B 244 38.26 32.63 -23.51
C ASN B 244 36.88 32.16 -23.94
N ASN B 245 36.76 30.84 -24.00
CA ASN B 245 35.52 30.13 -24.24
C ASN B 245 34.63 30.26 -22.97
N ASN B 246 33.51 30.99 -23.07
CA ASN B 246 32.53 31.06 -21.99
C ASN B 246 31.64 29.75 -21.95
N LEU B 247 31.89 28.86 -20.97
CA LEU B 247 31.14 27.62 -20.85
C LEU B 247 30.30 27.69 -19.54
N THR B 248 29.28 26.85 -19.47
CA THR B 248 28.46 26.71 -18.26
C THR B 248 28.31 25.26 -17.83
N LEU B 249 27.86 25.07 -16.60
CA LEU B 249 27.53 23.75 -16.06
C LEU B 249 26.28 24.01 -15.16
N VAL B 250 25.26 23.15 -15.24
CA VAL B 250 24.05 23.32 -14.38
C VAL B 250 24.07 22.23 -13.32
N GLY B 251 23.92 22.63 -12.06
CA GLY B 251 23.92 21.69 -10.94
C GLY B 251 22.48 21.65 -10.42
N ILE B 252 21.99 20.45 -9.95
CA ILE B 252 20.71 20.31 -9.25
C ILE B 252 21.01 19.78 -7.85
N ARG B 253 20.39 20.39 -6.85
CA ARG B 253 20.41 19.91 -5.45
C ARG B 253 18.97 19.58 -4.99
N HIS B 254 18.85 18.42 -4.31
CA HIS B 254 17.50 17.95 -3.84
C HIS B 254 17.33 18.28 -2.38
N ILE B 255 16.07 18.49 -2.03
CA ILE B 255 15.62 18.85 -0.68
C ILE B 255 14.37 17.99 -0.32
N GLY B 256 14.45 17.26 0.78
CA GLY B 256 13.23 16.56 1.30
C GLY B 256 12.35 17.52 2.08
N LEU B 257 11.02 17.33 1.95
CA LEU B 257 10.02 18.22 2.52
C LEU B 257 8.96 17.45 3.29
N ALA B 258 8.63 17.92 4.51
CA ALA B 258 7.55 17.30 5.31
C ALA B 258 7.02 18.33 6.31
N ALA B 259 5.68 18.49 6.37
CA ALA B 259 5.10 19.40 7.30
C ALA B 259 3.71 18.94 7.73
N LYS B 260 3.28 19.50 8.86
CA LYS B 260 2.00 19.11 9.51
C LYS B 260 1.19 20.34 9.95
N GLN B 261 -0.14 20.23 9.92
CA GLN B 261 -0.93 21.40 10.35
C GLN B 261 -0.68 21.90 11.75
N LEU B 262 -0.70 23.25 11.86
CA LEU B 262 -0.72 24.00 13.14
C LEU B 262 -1.99 23.74 13.93
N GLU B 263 -1.90 23.31 15.21
CA GLU B 263 -3.01 23.46 16.17
C GLU B 263 -3.10 24.92 16.65
N HIS B 264 -4.23 25.59 16.50
CA HIS B 264 -4.44 26.85 17.24
C HIS B 264 -4.88 26.50 18.71
N HIS B 265 -5.03 27.51 19.57
CA HIS B 265 -5.45 27.23 20.94
C HIS B 265 -6.81 26.48 20.85
N HIS B 266 -6.95 25.39 21.58
CA HIS B 266 -8.17 24.58 21.59
C HIS B 266 -8.40 24.02 23.01
N HIS B 267 -9.55 23.37 23.25
CA HIS B 267 -9.95 22.91 24.64
C HIS B 267 -10.02 21.40 25.05
N HIS B 268 -9.36 20.50 24.34
CA HIS B 268 -9.18 19.15 24.88
C HIS B 268 -7.76 18.60 24.75
N HIS B 269 -6.94 19.04 23.79
CA HIS B 269 -5.81 18.25 23.31
C HIS B 269 -4.66 19.08 22.76
#